data_7OO9
#
_entry.id   7OO9
#
_cell.length_a   61.606
_cell.length_b   62.541
_cell.length_c   64.157
_cell.angle_alpha   90.000
_cell.angle_beta   90.000
_cell.angle_gamma   90.000
#
_symmetry.space_group_name_H-M   'P 21 21 21'
#
loop_
_entity.id
_entity.type
_entity.pdbx_description
1 polymer 'Hybrid sensor histidine kinase/response regulator'
2 non-polymer 'FLAVIN MONONUCLEOTIDE'
3 non-polymer GLYCEROL
4 water water
#
_entity_poly.entity_id   1
_entity_poly.type   'polypeptide(L)'
_entity_poly.pdbx_seq_one_letter_code
;MASGMVVTDAGPDYPIIFANRAFSAITGYGPDEILGRNARFLQGPQTDWAVVARIREAIAAARPIHTRLLNYRKDGQPFW
SQLAISPVRDETEQVVAFVGLQTDVTAHHHHHH
;
_entity_poly.pdbx_strand_id   A,B
#
loop_
_chem_comp.id
_chem_comp.type
_chem_comp.name
_chem_comp.formula
FMN non-polymer 'FLAVIN MONONUCLEOTIDE' 'C17 H21 N4 O9 P'
GOL non-polymer GLYCEROL 'C3 H8 O3'
#
# COMPACT_ATOMS: atom_id res chain seq x y z
N ALA A 2 15.16 -2.21 -5.16
CA ALA A 2 13.68 -2.39 -5.06
C ALA A 2 13.04 -1.37 -5.99
N SER A 3 11.85 -1.69 -6.49
CA SER A 3 11.03 -0.70 -7.24
CA SER A 3 11.04 -0.70 -7.24
C SER A 3 10.58 0.37 -6.27
N GLY A 4 10.35 1.53 -6.82
CA GLY A 4 9.60 2.52 -6.06
C GLY A 4 8.20 1.97 -5.73
N MET A 5 7.65 2.43 -4.62
CA MET A 5 6.27 2.11 -4.26
CA MET A 5 6.28 2.11 -4.25
C MET A 5 5.69 3.33 -3.55
N VAL A 6 4.47 3.63 -3.92
CA VAL A 6 3.69 4.64 -3.23
C VAL A 6 2.31 4.06 -2.91
N VAL A 7 1.68 4.66 -1.92
CA VAL A 7 0.24 4.51 -1.65
CA VAL A 7 0.23 4.50 -1.69
C VAL A 7 -0.37 5.90 -1.78
N THR A 8 -1.51 5.97 -2.43
CA THR A 8 -2.30 7.20 -2.49
C THR A 8 -3.65 6.98 -1.82
N ASP A 9 -4.26 8.09 -1.44
CA ASP A 9 -5.73 8.09 -1.23
C ASP A 9 -6.42 7.77 -2.55
N ALA A 10 -7.72 7.52 -2.43
CA ALA A 10 -8.58 7.41 -3.61
C ALA A 10 -9.06 8.81 -4.06
N GLY A 11 -10.10 8.88 -4.86
CA GLY A 11 -10.48 10.12 -5.51
C GLY A 11 -11.10 11.12 -4.55
N PRO A 12 -11.23 12.39 -5.03
CA PRO A 12 -10.96 12.84 -6.41
C PRO A 12 -9.50 13.30 -6.61
N ASP A 13 -8.73 13.38 -5.53
CA ASP A 13 -7.42 14.05 -5.55
C ASP A 13 -6.22 13.11 -5.58
N TYR A 14 -6.34 11.90 -5.06
CA TYR A 14 -5.28 10.87 -5.04
C TYR A 14 -3.94 11.36 -4.51
N PRO A 15 -3.88 12.08 -3.37
CA PRO A 15 -2.55 12.46 -2.83
C PRO A 15 -1.76 11.25 -2.35
N ILE A 16 -0.45 11.35 -2.47
CA ILE A 16 0.47 10.32 -1.95
C ILE A 16 0.46 10.40 -0.43
N ILE A 17 0.26 9.24 0.20
CA ILE A 17 0.30 9.13 1.65
C ILE A 17 1.48 8.28 2.15
N PHE A 18 2.16 7.56 1.26
CA PHE A 18 3.35 6.80 1.58
C PHE A 18 4.23 6.76 0.34
N ALA A 19 5.52 6.85 0.50
CA ALA A 19 6.51 6.63 -0.54
C ALA A 19 7.71 5.94 0.05
N ASN A 20 8.15 4.85 -0.54
CA ASN A 20 9.33 4.12 -0.03
C ASN A 20 10.63 4.85 -0.38
N ARG A 21 11.72 4.41 0.22
CA ARG A 21 13.03 5.04 -0.05
C ARG A 21 13.44 4.86 -1.51
N ALA A 22 13.08 3.73 -2.12
CA ALA A 22 13.46 3.50 -3.52
C ALA A 22 12.81 4.57 -4.41
N PHE A 23 11.58 4.96 -4.11
CA PHE A 23 10.91 6.00 -4.90
C PHE A 23 11.69 7.31 -4.81
N SER A 24 12.15 7.67 -3.63
CA SER A 24 12.99 8.88 -3.46
C SER A 24 14.29 8.73 -4.24
N ALA A 25 14.90 7.57 -4.30
CA ALA A 25 16.15 7.39 -5.04
C ALA A 25 15.89 7.54 -6.54
N ILE A 26 14.84 6.94 -7.06
CA ILE A 26 14.52 6.98 -8.51
C ILE A 26 14.22 8.43 -8.90
N THR A 27 13.45 9.16 -8.10
CA THR A 27 12.89 10.46 -8.50
C THR A 27 13.73 11.67 -8.09
N GLY A 28 14.59 11.49 -7.09
CA GLY A 28 15.35 12.62 -6.55
C GLY A 28 14.61 13.50 -5.58
N TYR A 29 13.37 13.17 -5.21
CA TYR A 29 12.61 13.94 -4.21
C TYR A 29 12.62 13.21 -2.89
N GLY A 30 12.79 13.99 -1.81
CA GLY A 30 12.63 13.44 -0.47
C GLY A 30 11.17 13.39 -0.05
N PRO A 31 10.87 12.65 1.05
CA PRO A 31 9.48 12.43 1.46
C PRO A 31 8.69 13.73 1.66
N ASP A 32 9.32 14.75 2.21
CA ASP A 32 8.59 15.99 2.49
C ASP A 32 8.13 16.73 1.24
N GLU A 33 8.79 16.43 0.11
CA GLU A 33 8.54 16.95 -1.27
CA GLU A 33 8.29 17.05 -1.15
C GLU A 33 7.54 16.04 -2.02
N ILE A 34 7.08 14.94 -1.41
CA ILE A 34 6.24 13.94 -2.07
C ILE A 34 4.87 13.88 -1.38
N LEU A 35 4.87 13.65 -0.06
CA LEU A 35 3.63 13.38 0.66
C LEU A 35 2.67 14.54 0.51
N GLY A 36 1.45 14.18 0.24
CA GLY A 36 0.38 15.19 0.05
C GLY A 36 0.17 15.66 -1.37
N ARG A 37 1.04 15.26 -2.28
CA ARG A 37 0.97 15.66 -3.70
C ARG A 37 0.41 14.50 -4.52
N ASN A 38 -0.32 14.79 -5.57
CA ASN A 38 -0.67 13.83 -6.61
C ASN A 38 0.64 13.54 -7.39
N ALA A 39 0.85 12.29 -7.77
CA ALA A 39 2.08 11.84 -8.46
C ALA A 39 2.30 12.47 -9.82
N ARG A 40 1.32 13.18 -10.39
CA ARG A 40 1.50 13.81 -11.71
C ARG A 40 2.62 14.85 -11.68
N PHE A 41 3.11 15.27 -10.51
CA PHE A 41 4.22 16.24 -10.52
C PHE A 41 5.47 15.63 -11.16
N LEU A 42 5.57 14.34 -11.33
CA LEU A 42 6.72 13.71 -12.01
C LEU A 42 6.69 13.88 -13.52
N GLN A 43 5.60 14.32 -14.07
CA GLN A 43 5.45 14.45 -15.54
C GLN A 43 6.07 15.77 -16.00
N GLY A 44 6.30 15.88 -17.29
CA GLY A 44 6.94 17.09 -17.82
C GLY A 44 6.72 17.18 -19.30
N PRO A 45 7.50 18.02 -20.02
CA PRO A 45 7.01 18.50 -21.28
C PRO A 45 6.88 17.43 -22.35
N GLN A 46 7.69 16.37 -22.29
CA GLN A 46 7.67 15.32 -23.33
C GLN A 46 6.92 14.07 -22.88
N THR A 47 6.28 14.10 -21.74
CA THR A 47 5.40 13.01 -21.29
C THR A 47 4.28 12.85 -22.33
N ASP A 48 3.96 11.59 -22.67
CA ASP A 48 2.89 11.31 -23.66
C ASP A 48 1.52 11.54 -22.99
N TRP A 49 0.82 12.57 -23.41
CA TRP A 49 -0.45 12.96 -22.77
C TRP A 49 -1.55 11.96 -23.06
N ALA A 50 -1.44 11.17 -24.13
CA ALA A 50 -2.44 10.10 -24.39
C ALA A 50 -2.28 8.99 -23.36
N VAL A 51 -1.05 8.66 -22.98
CA VAL A 51 -0.80 7.66 -21.93
C VAL A 51 -1.30 8.20 -20.61
N VAL A 52 -1.05 9.46 -20.34
CA VAL A 52 -1.58 10.07 -19.10
C VAL A 52 -3.10 9.93 -19.03
N ALA A 53 -3.79 10.19 -20.15
CA ALA A 53 -5.27 10.08 -20.21
C ALA A 53 -5.69 8.64 -19.96
N ARG A 54 -5.00 7.65 -20.54
CA ARG A 54 -5.26 6.22 -20.29
C ARG A 54 -5.15 5.93 -18.80
N ILE A 55 -4.12 6.44 -18.14
CA ILE A 55 -3.93 6.25 -16.69
C ILE A 55 -5.12 6.84 -15.92
N ARG A 56 -5.44 8.08 -16.25
CA ARG A 56 -6.59 8.74 -15.62
C ARG A 56 -7.84 7.87 -15.72
N GLU A 57 -8.12 7.41 -16.92
CA GLU A 57 -9.34 6.62 -17.13
C GLU A 57 -9.29 5.30 -16.38
N ALA A 58 -8.15 4.64 -16.29
CA ALA A 58 -8.01 3.38 -15.55
C ALA A 58 -8.31 3.60 -14.07
N ILE A 59 -7.72 4.62 -13.53
CA ILE A 59 -7.91 4.93 -12.09
C ILE A 59 -9.38 5.27 -11.83
N ALA A 60 -9.99 6.06 -12.71
CA ALA A 60 -11.41 6.47 -12.51
C ALA A 60 -12.30 5.22 -12.55
N ALA A 61 -11.97 4.22 -13.36
CA ALA A 61 -12.76 2.99 -13.48
C ALA A 61 -12.34 1.92 -12.48
N ALA A 62 -11.34 2.18 -11.66
CA ALA A 62 -10.77 1.22 -10.72
C ALA A 62 -10.29 -0.03 -11.43
N ARG A 63 -9.64 0.13 -12.56
CA ARG A 63 -9.00 -0.98 -13.32
C ARG A 63 -7.49 -0.88 -13.15
N PRO A 64 -6.81 -1.97 -12.74
CA PRO A 64 -5.35 -1.93 -12.74
C PRO A 64 -4.76 -1.54 -14.09
N ILE A 65 -3.66 -0.81 -14.04
CA ILE A 65 -2.97 -0.45 -15.30
C ILE A 65 -1.47 -0.67 -15.11
N HIS A 66 -0.87 -1.26 -16.15
CA HIS A 66 0.58 -1.41 -16.31
C HIS A 66 0.98 -0.67 -17.59
N THR A 67 1.83 0.34 -17.49
CA THR A 67 2.26 1.06 -18.69
C THR A 67 3.57 1.76 -18.40
N ARG A 68 4.20 2.25 -19.44
CA ARG A 68 5.48 2.98 -19.38
C ARG A 68 5.23 4.45 -19.71
N LEU A 69 5.82 5.37 -18.95
CA LEU A 69 5.60 6.82 -19.11
C LEU A 69 6.92 7.54 -18.87
N LEU A 70 7.12 8.59 -19.61
CA LEU A 70 8.29 9.46 -19.33
C LEU A 70 8.02 10.32 -18.10
N ASN A 71 8.92 10.27 -17.14
CA ASN A 71 8.89 11.10 -15.95
C ASN A 71 10.23 11.85 -15.82
N TYR A 72 10.30 12.75 -14.84
CA TYR A 72 11.43 13.66 -14.66
C TYR A 72 11.87 13.62 -13.22
N ARG A 73 13.16 13.44 -13.03
CA ARG A 73 13.76 13.56 -11.68
CA ARG A 73 13.72 13.57 -11.67
C ARG A 73 13.68 15.03 -11.24
N LYS A 74 13.88 15.29 -9.97
CA LYS A 74 13.86 16.65 -9.40
CA LYS A 74 13.85 16.66 -9.40
C LYS A 74 14.83 17.57 -10.16
N ASP A 75 15.98 17.04 -10.52
CA ASP A 75 17.01 17.82 -11.25
C ASP A 75 16.68 18.00 -12.73
N GLY A 76 15.54 17.56 -13.22
CA GLY A 76 15.09 17.73 -14.60
C GLY A 76 15.48 16.57 -15.53
N GLN A 77 16.23 15.57 -15.08
CA GLN A 77 16.60 14.46 -15.99
C GLN A 77 15.41 13.58 -16.29
N PRO A 78 15.07 13.36 -17.59
CA PRO A 78 13.98 12.44 -17.95
C PRO A 78 14.39 10.98 -17.71
N PHE A 79 13.42 10.16 -17.38
CA PHE A 79 13.62 8.72 -17.23
C PHE A 79 12.31 8.01 -17.61
N TRP A 80 12.45 6.78 -18.04
CA TRP A 80 11.30 5.91 -18.31
C TRP A 80 10.85 5.20 -17.08
N SER A 81 9.61 5.44 -16.66
CA SER A 81 9.00 4.77 -15.50
CA SER A 81 8.98 4.79 -15.50
C SER A 81 8.01 3.71 -15.98
N GLN A 82 8.25 2.47 -15.58
CA GLN A 82 7.31 1.38 -15.78
C GLN A 82 6.39 1.39 -14.56
N LEU A 83 5.15 1.79 -14.76
CA LEU A 83 4.18 2.08 -13.70
CA LEU A 83 4.20 2.10 -13.70
C LEU A 83 3.20 0.92 -13.59
N ALA A 84 2.89 0.53 -12.38
CA ALA A 84 1.81 -0.44 -12.13
C ALA A 84 0.93 0.15 -11.05
N ILE A 85 -0.31 0.44 -11.37
CA ILE A 85 -1.22 1.21 -10.46
C ILE A 85 -2.47 0.36 -10.28
N SER A 86 -2.81 0.05 -9.04
CA SER A 86 -3.92 -0.88 -8.70
CA SER A 86 -3.93 -0.86 -8.71
C SER A 86 -4.74 -0.34 -7.52
N PRO A 87 -6.06 -0.52 -7.56
CA PRO A 87 -6.91 -0.12 -6.43
C PRO A 87 -6.79 -1.07 -5.25
N VAL A 88 -7.08 -0.48 -4.09
CA VAL A 88 -7.26 -1.20 -2.82
C VAL A 88 -8.73 -1.08 -2.46
N ARG A 89 -9.41 -2.20 -2.30
CA ARG A 89 -10.87 -2.20 -2.02
CA ARG A 89 -10.88 -2.20 -2.03
C ARG A 89 -11.17 -2.68 -0.61
N ASP A 90 -12.22 -2.14 -0.04
CA ASP A 90 -12.64 -2.50 1.31
C ASP A 90 -13.69 -3.61 1.28
N GLU A 91 -14.35 -3.84 2.43
CA GLU A 91 -15.26 -4.99 2.62
C GLU A 91 -16.50 -4.95 1.74
N THR A 92 -16.88 -3.79 1.24
CA THR A 92 -18.02 -3.65 0.31
C THR A 92 -17.52 -3.40 -1.12
N GLU A 93 -16.23 -3.62 -1.39
CA GLU A 93 -15.61 -3.46 -2.74
C GLU A 93 -15.46 -1.98 -3.11
N GLN A 94 -15.55 -1.07 -2.16
CA GLN A 94 -15.29 0.36 -2.46
C GLN A 94 -13.78 0.60 -2.47
N VAL A 95 -13.37 1.44 -3.40
CA VAL A 95 -11.93 1.78 -3.51
C VAL A 95 -11.55 2.82 -2.46
N VAL A 96 -10.58 2.50 -1.61
CA VAL A 96 -10.20 3.35 -0.48
C VAL A 96 -8.76 3.89 -0.61
N ALA A 97 -7.97 3.34 -1.52
CA ALA A 97 -6.56 3.72 -1.73
C ALA A 97 -6.14 3.15 -3.06
N PHE A 98 -4.95 3.54 -3.53
CA PHE A 98 -4.26 2.91 -4.67
C PHE A 98 -2.81 2.64 -4.25
N VAL A 99 -2.29 1.57 -4.82
CA VAL A 99 -0.86 1.22 -4.73
C VAL A 99 -0.26 1.47 -6.11
N GLY A 100 0.92 2.10 -6.11
CA GLY A 100 1.67 2.28 -7.34
C GLY A 100 3.08 1.77 -7.19
N LEU A 101 3.56 1.06 -8.19
CA LEU A 101 4.95 0.59 -8.29
C LEU A 101 5.59 1.31 -9.47
N GLN A 102 6.82 1.76 -9.26
CA GLN A 102 7.63 2.50 -10.26
C GLN A 102 8.96 1.77 -10.46
N THR A 103 9.19 1.29 -11.65
CA THR A 103 10.41 0.59 -12.01
C THR A 103 11.12 1.48 -13.07
N ASP A 104 12.32 1.99 -12.79
CA ASP A 104 13.08 2.79 -13.78
C ASP A 104 13.62 1.85 -14.86
N VAL A 105 13.07 1.90 -16.05
CA VAL A 105 13.43 0.96 -17.12
C VAL A 105 14.22 1.72 -18.19
N THR A 106 14.80 2.84 -17.87
CA THR A 106 15.74 3.56 -18.77
C THR A 106 16.90 2.63 -19.14
N ALA A 107 17.20 2.51 -20.44
CA ALA A 107 18.35 1.75 -20.95
C ALA A 107 19.49 2.76 -20.89
N ALA B 2 -12.69 5.68 8.49
CA ALA B 2 -11.98 4.86 7.48
C ALA B 2 -11.58 3.53 8.15
N SER B 3 -11.46 2.42 7.41
CA SER B 3 -10.78 1.17 7.80
C SER B 3 -9.33 1.53 8.08
N GLY B 4 -8.76 0.74 8.96
CA GLY B 4 -7.32 0.69 9.05
C GLY B 4 -6.71 0.15 7.81
N MET B 5 -5.54 0.64 7.48
CA MET B 5 -4.75 0.11 6.36
CA MET B 5 -4.76 0.09 6.36
C MET B 5 -3.28 0.11 6.73
N VAL B 6 -2.62 -1.00 6.44
CA VAL B 6 -1.18 -1.09 6.56
C VAL B 6 -0.61 -1.61 5.25
N VAL B 7 0.67 -1.31 5.04
CA VAL B 7 1.51 -1.99 4.04
CA VAL B 7 1.46 -2.04 4.03
C VAL B 7 2.63 -2.66 4.79
N THR B 8 2.95 -3.89 4.43
CA THR B 8 4.13 -4.56 4.98
C THR B 8 5.12 -4.87 3.85
N ASP B 9 6.36 -5.11 4.22
CA ASP B 9 7.26 -5.84 3.35
C ASP B 9 6.75 -7.30 3.16
N ALA B 10 7.34 -7.96 2.17
CA ALA B 10 7.08 -9.38 1.99
C ALA B 10 7.99 -10.19 2.92
N GLY B 11 8.19 -11.49 2.65
CA GLY B 11 8.82 -12.40 3.61
C GLY B 11 10.31 -12.15 3.75
N PRO B 12 10.93 -12.75 4.76
CA PRO B 12 10.29 -13.70 5.69
C PRO B 12 9.67 -13.02 6.93
N ASP B 13 9.85 -11.70 7.08
CA ASP B 13 9.53 -11.04 8.36
C ASP B 13 8.27 -10.20 8.29
N TYR B 14 7.86 -9.70 7.13
CA TYR B 14 6.63 -8.89 6.91
C TYR B 14 6.49 -7.73 7.89
N PRO B 15 7.53 -6.89 8.13
CA PRO B 15 7.34 -5.72 8.99
C PRO B 15 6.41 -4.69 8.32
N ILE B 16 5.66 -4.00 9.17
CA ILE B 16 4.83 -2.88 8.72
C ILE B 16 5.75 -1.71 8.30
N ILE B 17 5.50 -1.18 7.10
CA ILE B 17 6.20 -0.03 6.54
C ILE B 17 5.32 1.22 6.44
N PHE B 18 4.01 1.06 6.56
CA PHE B 18 3.04 2.16 6.52
C PHE B 18 1.80 1.75 7.31
N ALA B 19 1.27 2.66 8.12
CA ALA B 19 -0.01 2.46 8.79
C ALA B 19 -0.75 3.79 8.70
N ASN B 20 -2.01 3.73 8.28
CA ASN B 20 -2.82 4.98 8.22
C ASN B 20 -3.31 5.43 9.60
N ARG B 21 -3.90 6.63 9.65
CA ARG B 21 -4.36 7.19 10.94
C ARG B 21 -5.50 6.34 11.52
N ALA B 22 -6.33 5.77 10.67
CA ALA B 22 -7.46 4.95 11.16
C ALA B 22 -6.91 3.71 11.88
N PHE B 23 -5.80 3.11 11.41
CA PHE B 23 -5.25 1.94 12.09
C PHE B 23 -4.84 2.35 13.50
N SER B 24 -4.22 3.51 13.67
CA SER B 24 -3.83 3.97 15.04
C SER B 24 -5.06 4.26 15.89
N ALA B 25 -6.14 4.74 15.31
CA ALA B 25 -7.36 5.01 16.09
C ALA B 25 -8.00 3.68 16.52
N ILE B 26 -8.06 2.71 15.65
CA ILE B 26 -8.70 1.41 15.98
C ILE B 26 -7.87 0.69 17.04
N THR B 27 -6.55 0.65 16.88
CA THR B 27 -5.69 -0.21 17.71
C THR B 27 -5.17 0.49 18.96
N GLY B 28 -5.21 1.85 18.99
CA GLY B 28 -4.65 2.62 20.09
C GLY B 28 -3.14 2.76 20.08
N TYR B 29 -2.45 2.29 19.07
CA TYR B 29 -0.99 2.43 18.94
C TYR B 29 -0.65 3.58 18.03
N GLY B 30 0.33 4.38 18.42
CA GLY B 30 0.87 5.45 17.57
C GLY B 30 1.82 4.88 16.51
N PRO B 31 2.05 5.65 15.43
CA PRO B 31 2.91 5.19 14.32
C PRO B 31 4.30 4.74 14.79
N ASP B 32 4.86 5.44 15.77
CA ASP B 32 6.21 5.10 16.27
C ASP B 32 6.27 3.69 16.90
N GLU B 33 5.14 3.21 17.39
CA GLU B 33 5.04 1.92 18.06
C GLU B 33 4.50 0.85 17.10
N ILE B 34 4.35 1.15 15.82
CA ILE B 34 3.80 0.23 14.78
C ILE B 34 4.90 -0.11 13.78
N LEU B 35 5.53 0.94 13.23
CA LEU B 35 6.45 0.76 12.10
C LEU B 35 7.57 -0.19 12.49
N GLY B 36 7.93 -1.11 11.61
CA GLY B 36 9.04 -2.05 11.79
C GLY B 36 8.61 -3.33 12.49
N ARG B 37 7.35 -3.42 12.93
CA ARG B 37 6.85 -4.59 13.66
C ARG B 37 6.00 -5.44 12.73
N ASN B 38 6.03 -6.74 12.89
CA ASN B 38 5.03 -7.62 12.28
C ASN B 38 3.69 -7.39 13.00
N ALA B 39 2.58 -7.39 12.23
CA ALA B 39 1.24 -7.08 12.77
C ALA B 39 0.75 -8.10 13.81
N ARG B 40 1.44 -9.22 13.99
CA ARG B 40 1.01 -10.21 14.98
C ARG B 40 1.03 -9.66 16.41
N PHE B 41 1.64 -8.53 16.67
CA PHE B 41 1.62 -7.94 18.02
C PHE B 41 0.21 -7.59 18.47
N LEU B 42 -0.73 -7.48 17.56
CA LEU B 42 -2.11 -7.19 17.92
C LEU B 42 -2.83 -8.41 18.50
N GLN B 43 -2.28 -9.60 18.36
CA GLN B 43 -2.93 -10.82 18.88
C GLN B 43 -2.71 -10.95 20.39
N GLY B 44 -3.51 -11.80 21.02
CA GLY B 44 -3.43 -11.96 22.47
C GLY B 44 -4.04 -13.29 22.87
N PRO B 45 -4.32 -13.43 24.18
CA PRO B 45 -4.56 -14.76 24.72
C PRO B 45 -5.77 -15.50 24.16
N GLN B 46 -6.84 -14.79 23.78
CA GLN B 46 -8.05 -15.50 23.26
CA GLN B 46 -8.12 -15.45 23.28
C GLN B 46 -8.13 -15.47 21.74
N THR B 47 -7.09 -15.01 21.06
CA THR B 47 -7.04 -15.07 19.57
C THR B 47 -7.13 -16.54 19.15
N ASP B 48 -7.87 -16.85 18.11
CA ASP B 48 -8.01 -18.22 17.57
C ASP B 48 -6.75 -18.60 16.78
N TRP B 49 -5.90 -19.47 17.34
CA TRP B 49 -4.61 -19.84 16.76
C TRP B 49 -4.83 -20.63 15.44
N ALA B 50 -5.99 -21.24 15.22
CA ALA B 50 -6.27 -21.92 13.94
C ALA B 50 -6.47 -20.88 12.85
N VAL B 51 -7.15 -19.79 13.14
CA VAL B 51 -7.30 -18.71 12.13
C VAL B 51 -5.94 -18.07 11.84
N VAL B 52 -5.14 -17.84 12.88
CA VAL B 52 -3.78 -17.31 12.71
C VAL B 52 -2.99 -18.20 11.73
N ALA B 53 -3.14 -19.53 11.86
CA ALA B 53 -2.42 -20.49 10.99
C ALA B 53 -2.94 -20.35 9.57
N ARG B 54 -4.24 -20.21 9.38
CA ARG B 54 -4.78 -20.03 8.01
C ARG B 54 -4.19 -18.75 7.38
N ILE B 55 -4.07 -17.68 8.16
CA ILE B 55 -3.48 -16.43 7.68
C ILE B 55 -2.03 -16.64 7.30
N ARG B 56 -1.26 -17.34 8.14
CA ARG B 56 0.17 -17.65 7.84
C ARG B 56 0.27 -18.39 6.52
N GLU B 57 -0.54 -19.43 6.38
CA GLU B 57 -0.52 -20.25 5.15
C GLU B 57 -0.90 -19.43 3.93
N ALA B 58 -1.93 -18.61 4.01
CA ALA B 58 -2.34 -17.79 2.85
C ALA B 58 -1.20 -16.85 2.43
N ILE B 59 -0.63 -16.16 3.39
CA ILE B 59 0.47 -15.22 3.07
C ILE B 59 1.62 -15.99 2.42
N ALA B 60 1.97 -17.18 2.97
CA ALA B 60 3.11 -17.94 2.44
C ALA B 60 2.86 -18.34 0.99
N ALA B 61 1.59 -18.60 0.62
CA ALA B 61 1.18 -18.99 -0.73
C ALA B 61 0.82 -17.81 -1.60
N ALA B 62 0.95 -16.59 -1.10
CA ALA B 62 0.54 -15.38 -1.82
C ALA B 62 -0.92 -15.44 -2.25
N ARG B 63 -1.78 -15.98 -1.38
CA ARG B 63 -3.24 -16.03 -1.61
C ARG B 63 -3.90 -14.95 -0.76
N PRO B 64 -4.76 -14.09 -1.32
CA PRO B 64 -5.53 -13.14 -0.50
C PRO B 64 -6.30 -13.90 0.59
N ILE B 65 -6.49 -13.27 1.73
CA ILE B 65 -7.38 -13.88 2.76
C ILE B 65 -8.17 -12.76 3.40
N HIS B 66 -9.47 -13.01 3.55
CA HIS B 66 -10.46 -12.20 4.25
C HIS B 66 -11.01 -13.00 5.42
N THR B 67 -10.73 -12.59 6.64
CA THR B 67 -11.18 -13.36 7.81
C THR B 67 -11.34 -12.45 9.02
N ARG B 68 -12.00 -12.94 10.04
CA ARG B 68 -12.23 -12.21 11.29
C ARG B 68 -11.37 -12.80 12.38
N LEU B 69 -10.68 -11.98 13.16
CA LEU B 69 -9.72 -12.41 14.18
C LEU B 69 -9.85 -11.51 15.39
N LEU B 70 -9.75 -12.08 16.58
CA LEU B 70 -9.72 -11.27 17.80
C LEU B 70 -8.35 -10.59 17.95
N ASN B 71 -8.34 -9.29 18.11
CA ASN B 71 -7.14 -8.51 18.33
C ASN B 71 -7.33 -7.67 19.61
N TYR B 72 -6.29 -7.00 20.05
CA TYR B 72 -6.23 -6.27 21.32
C TYR B 72 -5.73 -4.87 21.09
N ARG B 73 -6.45 -3.89 21.59
CA ARG B 73 -5.95 -2.51 21.58
CA ARG B 73 -5.99 -2.50 21.58
C ARG B 73 -4.80 -2.39 22.55
N LYS B 74 -4.06 -1.32 22.42
CA LYS B 74 -2.92 -1.05 23.29
C LYS B 74 -3.30 -1.14 24.78
N ASP B 75 -4.48 -0.64 25.12
CA ASP B 75 -4.95 -0.66 26.53
C ASP B 75 -5.40 -2.03 26.98
N GLY B 76 -5.37 -3.04 26.13
CA GLY B 76 -5.77 -4.41 26.48
C GLY B 76 -7.19 -4.76 26.05
N GLN B 77 -7.98 -3.81 25.56
CA GLN B 77 -9.37 -4.16 25.21
C GLN B 77 -9.43 -5.03 23.95
N PRO B 78 -10.07 -6.23 24.01
CA PRO B 78 -10.20 -7.03 22.80
C PRO B 78 -11.22 -6.42 21.84
N PHE B 79 -11.02 -6.68 20.56
CA PHE B 79 -11.94 -6.22 19.52
C PHE B 79 -11.89 -7.24 18.40
N TRP B 80 -12.98 -7.31 17.62
CA TRP B 80 -13.00 -8.15 16.42
C TRP B 80 -12.51 -7.37 15.22
N SER B 81 -11.47 -7.87 14.59
CA SER B 81 -10.91 -7.22 13.37
CA SER B 81 -10.87 -7.24 13.37
C SER B 81 -11.27 -8.08 12.15
N GLN B 82 -11.97 -7.45 11.21
CA GLN B 82 -12.24 -8.05 9.90
C GLN B 82 -11.03 -7.68 9.02
N LEU B 83 -10.19 -8.65 8.76
CA LEU B 83 -8.82 -8.50 8.15
CA LEU B 83 -8.87 -8.45 8.16
C LEU B 83 -8.95 -8.88 6.70
N ALA B 84 -8.35 -8.09 5.81
CA ALA B 84 -8.21 -8.41 4.39
C ALA B 84 -6.75 -8.20 4.00
N ILE B 85 -6.06 -9.30 3.71
CA ILE B 85 -4.59 -9.30 3.47
C ILE B 85 -4.31 -9.79 2.08
N SER B 86 -3.68 -8.96 1.28
CA SER B 86 -3.50 -9.18 -0.18
CA SER B 86 -3.46 -9.33 -0.13
C SER B 86 -2.05 -8.96 -0.60
N PRO B 87 -1.44 -9.76 -1.50
CA PRO B 87 -0.11 -9.48 -2.00
C PRO B 87 -0.11 -8.35 -3.03
N VAL B 88 1.06 -7.72 -3.08
CA VAL B 88 1.43 -6.72 -4.11
C VAL B 88 2.52 -7.34 -4.97
N ARG B 89 2.28 -7.46 -6.29
CA ARG B 89 3.21 -8.14 -7.22
CA ARG B 89 3.22 -8.14 -7.21
C ARG B 89 3.92 -7.12 -8.12
N ASP B 90 5.17 -7.40 -8.44
CA ASP B 90 6.01 -6.53 -9.31
C ASP B 90 5.93 -6.97 -10.75
N GLU B 91 6.81 -6.39 -11.58
CA GLU B 91 6.74 -6.57 -13.04
C GLU B 91 6.97 -8.00 -13.47
N THR B 92 7.59 -8.87 -12.68
CA THR B 92 7.72 -10.29 -13.04
C THR B 92 6.84 -11.16 -12.14
N GLU B 93 5.82 -10.56 -11.53
CA GLU B 93 4.78 -11.22 -10.72
C GLU B 93 5.38 -11.75 -9.41
N GLN B 94 6.50 -11.21 -8.94
CA GLN B 94 7.04 -11.57 -7.62
C GLN B 94 6.33 -10.73 -6.56
N VAL B 95 6.11 -11.34 -5.41
CA VAL B 95 5.44 -10.59 -4.31
C VAL B 95 6.46 -9.70 -3.59
N VAL B 96 6.24 -8.41 -3.54
CA VAL B 96 7.20 -7.46 -2.97
C VAL B 96 6.66 -6.73 -1.78
N ALA B 97 5.36 -6.85 -1.47
CA ALA B 97 4.72 -6.21 -0.33
C ALA B 97 3.39 -6.87 -0.12
N PHE B 98 2.75 -6.53 1.01
CA PHE B 98 1.34 -6.92 1.24
C PHE B 98 0.59 -5.68 1.72
N VAL B 99 -0.68 -5.61 1.38
CA VAL B 99 -1.63 -4.63 1.92
C VAL B 99 -2.60 -5.34 2.87
N GLY B 100 -2.84 -4.72 4.01
CA GLY B 100 -3.81 -5.21 4.95
C GLY B 100 -4.81 -4.14 5.30
N LEU B 101 -6.09 -4.50 5.32
CA LEU B 101 -7.17 -3.64 5.78
C LEU B 101 -7.78 -4.24 7.05
N GLN B 102 -8.05 -3.37 7.99
CA GLN B 102 -8.60 -3.76 9.30
C GLN B 102 -9.90 -2.98 9.52
N THR B 103 -10.99 -3.71 9.61
CA THR B 103 -12.30 -3.09 9.86
C THR B 103 -12.76 -3.58 11.24
N ASP B 104 -12.95 -2.68 12.21
CA ASP B 104 -13.43 -3.08 13.55
C ASP B 104 -14.92 -3.46 13.45
N VAL B 105 -15.21 -4.75 13.57
CA VAL B 105 -16.59 -5.25 13.42
C VAL B 105 -17.17 -5.69 14.78
N THR B 106 -16.61 -5.21 15.85
CA THR B 106 -17.18 -5.43 17.19
C THR B 106 -18.61 -4.91 17.24
N ALA B 107 -19.52 -5.64 17.85
CA ALA B 107 -20.95 -5.24 17.93
C ALA B 107 -21.04 -4.01 18.83
N1 FMN C . 1.94 9.38 -12.63
C2 FMN C . 3.22 9.49 -13.00
O2 FMN C . 3.55 10.25 -13.95
N3 FMN C . 4.24 8.83 -12.31
C4 FMN C . 3.99 8.03 -11.25
O4 FMN C . 4.96 7.45 -10.69
C4A FMN C . 2.63 7.85 -10.86
N5 FMN C . 2.34 7.02 -9.82
C5A FMN C . 1.02 6.92 -9.43
C6 FMN C . 0.70 6.06 -8.33
C7 FMN C . -0.61 5.92 -7.93
C7M FMN C . -0.97 4.97 -6.82
C8 FMN C . -1.65 6.69 -8.59
C8M FMN C . -3.08 6.58 -8.13
C9 FMN C . -1.30 7.51 -9.67
C9A FMN C . -0.01 7.63 -10.15
N10 FMN C . 0.34 8.42 -11.26
C10 FMN C . 1.66 8.56 -11.62
C1' FMN C . -0.70 9.02 -12.13
C2' FMN C . -1.16 10.40 -11.81
O2' FMN C . -1.33 10.50 -10.38
C3' FMN C . -2.47 10.74 -12.49
O3' FMN C . -3.42 9.70 -12.24
C4' FMN C . -2.34 10.94 -14.01
O4' FMN C . -1.47 12.01 -14.26
C5' FMN C . -3.68 11.11 -14.68
O5' FMN C . -4.52 12.07 -14.05
P FMN C . -4.50 13.59 -14.49
O1P FMN C . -3.08 14.11 -14.20
O2P FMN C . -4.88 13.75 -15.92
O3P FMN C . -5.54 14.22 -13.57
C1 GOL D . -9.54 12.63 -1.53
C1 GOL D . -9.56 12.63 -1.57
O1 GOL D . -8.85 12.41 -2.77
O1 GOL D . -8.81 12.38 -2.76
C2 GOL D . -8.86 11.95 -0.38
C2 GOL D . -8.94 12.00 -0.34
O2 GOL D . -7.62 12.61 -0.17
O2 GOL D . -7.65 12.60 -0.17
C3 GOL D . -9.69 11.90 0.88
C3 GOL D . -9.81 12.18 0.88
O3 GOL D . -10.12 13.19 1.30
O3 GOL D . -9.29 11.53 2.02
C1 GOL E . -12.13 4.42 -7.86
O1 GOL E . -13.48 3.99 -7.60
C2 GOL E . -12.07 5.86 -8.27
O2 GOL E . -10.73 6.16 -8.67
C3 GOL E . -12.60 6.88 -7.24
O3 GOL E . -11.93 6.87 -5.92
C1 GOL F . 8.60 6.54 4.57
O1 GOL F . 9.40 6.13 3.44
C2 GOL F . 8.27 8.02 4.55
O2 GOL F . 7.49 8.42 5.69
C3 GOL F . 7.49 8.49 3.36
O3 GOL F . 6.25 7.82 3.19
C1 GOL G . 9.76 3.05 4.01
O1 GOL G . 10.46 3.84 4.97
C2 GOL G . 10.62 1.90 3.48
O2 GOL G . 9.75 0.92 2.89
C3 GOL G . 11.60 2.21 2.36
O3 GOL G . 12.80 1.45 2.48
N1 FMN H . -2.50 -10.10 12.13
C2 FMN H . -3.36 -9.56 13.06
O2 FMN H . -3.61 -10.21 14.12
N3 FMN H . -3.93 -8.33 12.87
C4 FMN H . -3.71 -7.55 11.79
O4 FMN H . -4.29 -6.41 11.70
C4A FMN H . -2.84 -8.06 10.79
N5 FMN H . -2.60 -7.34 9.65
C5A FMN H . -1.74 -7.84 8.75
C6 FMN H . -1.45 -7.11 7.58
C7 FMN H . -0.60 -7.57 6.59
C7M FMN H . -0.37 -6.78 5.33
C8 FMN H . 0.04 -8.80 6.86
C8M FMN H . 1.03 -9.37 5.81
C9 FMN H . -0.22 -9.57 7.99
C9A FMN H . -1.13 -9.14 8.94
N10 FMN H . -1.44 -9.88 10.08
C10 FMN H . -2.30 -9.35 11.04
C1' FMN H . -0.98 -11.26 10.21
C2' FMN H . 0.31 -11.48 10.96
O2' FMN H . 1.27 -10.49 10.50
C3' FMN H . 0.85 -12.89 10.69
O3' FMN H . 0.89 -13.12 9.27
C4' FMN H . 0.05 -13.99 11.37
O4' FMN H . 0.10 -13.81 12.80
C5' FMN H . 0.53 -15.38 10.96
O5' FMN H . 1.96 -15.56 11.06
P FMN H . 2.63 -16.07 12.39
O1P FMN H . 2.35 -15.06 13.47
O2P FMN H . 2.10 -17.44 12.72
O3P FMN H . 4.10 -16.07 12.01
C1 GOL I . 12.97 -7.27 3.30
C1 GOL I . 13.32 -7.28 3.66
O1 GOL I . 14.19 -7.25 4.02
O1 GOL I . 13.25 -6.00 3.06
C2 GOL I . 11.85 -7.66 4.24
C2 GOL I . 12.04 -7.65 4.39
O2 GOL I . 11.73 -6.74 5.34
O2 GOL I . 11.73 -6.76 5.47
C3 GOL I . 12.03 -9.06 4.79
C3 GOL I . 12.08 -9.08 4.89
O3 GOL I . 10.84 -9.52 5.43
O3 GOL I . 10.82 -9.48 5.43
C1 GOL J . 6.94 -14.83 0.35
C2 GOL J . 5.44 -15.00 0.25
O2 GOL J . 4.76 -14.45 1.39
C3 GOL J . 4.87 -14.34 -0.97
O3 GOL J . 5.46 -14.90 -2.16
C1 GOL K . 1.74 7.71 8.44
O1 GOL K . 0.38 7.44 8.86
C2 GOL K . 2.80 7.31 9.45
O2 GOL K . 4.09 7.68 8.97
C3 GOL K . 2.87 5.82 9.74
O3 GOL K . 2.99 5.04 8.56
C1 GOL L . -7.36 -17.93 1.25
O1 GOL L . -8.14 -17.98 2.45
C2 GOL L . -8.18 -18.41 0.06
O2 GOL L . -7.38 -19.13 -0.89
C3 GOL L . -8.89 -17.31 -0.69
O3 GOL L . -8.03 -16.53 -1.55
C1 GOL M . -2.53 -9.11 25.22
O1 GOL M . -3.26 -7.78 25.28
C2 GOL M . -1.33 -8.45 23.62
C3 GOL M . -1.99 -7.66 22.55
C1 GOL N . -8.42 4.63 3.73
O1 GOL N . -7.39 5.35 4.40
C2 GOL N . -9.31 3.87 4.69
O2 GOL N . -8.85 2.52 4.68
C3 GOL N . -10.81 3.98 4.37
O3 GOL N . -11.62 2.84 4.63
#